data_5DBY
#
_entry.id   5DBY
#
_cell.length_a   94.320
_cell.length_b   94.320
_cell.length_c   141.690
_cell.angle_alpha   90.00
_cell.angle_beta   90.00
_cell.angle_gamma   120.00
#
_symmetry.space_group_name_H-M   'P 61'
#
loop_
_entity.id
_entity.type
_entity.pdbx_description
1 polymer 'Serum albumin'
2 non-polymer '2-[2,6-DICHLOROPHENYL)AMINO]BENZENEACETIC ACID'
3 non-polymer '(2S)-2-(6-methoxynaphthalen-2-yl)propanoic acid'
4 non-polymer 'MALONATE ION'
5 non-polymer 'SUCCINIC ACID'
6 non-polymer 'ACETATE ION'
7 non-polymer 'FORMIC ACID'
8 non-polymer '(2S)-2-hydroxybutanedioic acid'
9 water water
#
_entity_poly.entity_id   1
_entity_poly.type   'polypeptide(L)'
_entity_poly.pdbx_seq_one_letter_code
;DTHKSEIAHRFNDLGEKHFKGLVLVAFSQYLQQCPFEDHVKLVNEVTEFAKKCAADESAENCDKSLHTLFGDKLCTVATL
RATYGELADCCEKQEPERNECFLTHKDDHPNLPKLKPEPDAQCAAFQEDPDKFLGKYLYEVARRHPYFYGPELLFHAEEY
KADFTECCPADDKAGCLIPKLDALKERILLSSAKERLKCSSFQNFGERAVKAWSVARLSQKFPKADFAEVSKIVTDLTKV
HKECCHGDLLECADDRADLAKYICEHQDSISGKLKACCDKPLLQKSHCIAEVKEDDLPSDLPALAADFAEDKEICKHYKD
AKDVFLGTFLYEYSRRHPDYSVSLLLRIAKTYEATLEKCCAEADPPACYATVFDQFTPLVEEPKSLVKKNCDLFEEVGEY
DFQNALIVRYTKKAPQVSTPTLVEIGRTLGKVGSRCCKLPESERLPCSENHLALALNRLCVLHEKTPVSEKITKCCTDSL
AERRPCFSALELDEGYVPKEFKAETFTFHADICTLPEDEKQIKKQSALAELVKHKPKATKEQLKTVLGNFSAFVAKCCGA
EDKEACFAEEGPKLVASSQLALA
;
_entity_poly.pdbx_strand_id   A
#
loop_
_chem_comp.id
_chem_comp.type
_chem_comp.name
_chem_comp.formula
ACT non-polymer 'ACETATE ION' 'C2 H3 O2 -1'
DIF non-polymer '2-[2,6-DICHLOROPHENYL)AMINO]BENZENEACETIC ACID' 'C14 H11 Cl2 N O2'
FMT non-polymer 'FORMIC ACID' 'C H2 O2'
LMR non-polymer '(2S)-2-hydroxybutanedioic acid' 'C4 H6 O5'
MLI non-polymer 'MALONATE ION' 'C3 H2 O4 -2'
NPS non-polymer '(2S)-2-(6-methoxynaphthalen-2-yl)propanoic acid' 'C14 H14 O3'
SIN non-polymer 'SUCCINIC ACID' 'C4 H6 O4'
#
# COMPACT_ATOMS: atom_id res chain seq x y z
N LYS A 4 31.53 5.83 -13.94
CA LYS A 4 32.75 4.96 -14.19
C LYS A 4 32.72 3.65 -13.36
N SER A 5 32.56 3.77 -12.04
CA SER A 5 32.25 2.59 -11.19
C SER A 5 30.97 2.87 -10.40
N GLU A 6 29.86 2.36 -10.89
CA GLU A 6 28.64 2.63 -10.18
C GLU A 6 28.74 2.18 -8.74
N ILE A 7 29.34 1.01 -8.52
CA ILE A 7 29.33 0.38 -7.21
C ILE A 7 30.10 1.23 -6.23
N ALA A 8 31.26 1.72 -6.68
CA ALA A 8 32.08 2.62 -5.87
C ALA A 8 31.36 3.90 -5.49
N HIS A 9 30.70 4.48 -6.48
CA HIS A 9 29.99 5.76 -6.37
C HIS A 9 28.85 5.72 -5.35
N ARG A 10 28.02 4.67 -5.43
CA ARG A 10 26.93 4.40 -4.42
C ARG A 10 27.52 4.04 -3.06
N PHE A 11 28.55 3.22 -3.02
CA PHE A 11 29.21 2.95 -1.72
C PHE A 11 29.74 4.26 -1.09
N ASN A 12 30.30 5.14 -1.92
CA ASN A 12 30.79 6.43 -1.38
C ASN A 12 29.71 7.39 -0.89
N ASP A 13 28.60 7.51 -1.61
CA ASP A 13 27.53 8.50 -1.28
C ASP A 13 26.70 8.01 -0.10
N LEU A 14 26.38 6.73 -0.13
CA LEU A 14 25.51 6.08 0.87
C LEU A 14 26.20 5.75 2.18
N GLY A 15 27.50 5.41 2.13
CA GLY A 15 28.21 4.95 3.30
C GLY A 15 27.95 3.44 3.43
N GLU A 16 28.83 2.74 4.17
CA GLU A 16 28.76 1.25 4.26
C GLU A 16 27.43 0.70 4.89
N LYS A 17 27.03 1.26 6.03
CA LYS A 17 25.82 0.86 6.71
C LYS A 17 24.54 0.87 5.80
N HIS A 18 24.14 2.04 5.36
CA HIS A 18 23.05 2.14 4.40
C HIS A 18 23.31 1.40 3.08
N PHE A 19 24.55 1.37 2.59
CA PHE A 19 24.82 0.56 1.38
C PHE A 19 24.42 -0.95 1.63
N LYS A 20 24.96 -1.54 2.70
CA LYS A 20 24.74 -2.96 3.01
C LYS A 20 23.30 -3.32 3.23
N GLY A 21 22.66 -2.50 4.06
CA GLY A 21 21.27 -2.58 4.33
C GLY A 21 20.44 -2.67 3.11
N LEU A 22 20.69 -1.75 2.16
CA LEU A 22 19.89 -1.65 0.94
C LEU A 22 20.13 -2.81 -0.01
N VAL A 23 21.38 -3.23 -0.11
CA VAL A 23 21.73 -4.41 -0.90
C VAL A 23 21.10 -5.72 -0.30
N LEU A 24 21.03 -5.83 1.03
CA LEU A 24 20.31 -6.96 1.70
C LEU A 24 18.82 -6.89 1.30
N VAL A 25 18.23 -5.70 1.46
CA VAL A 25 16.80 -5.51 1.19
C VAL A 25 16.56 -5.97 -0.24
N ALA A 26 17.28 -5.39 -1.18
CA ALA A 26 17.18 -5.71 -2.63
C ALA A 26 17.27 -7.20 -2.95
N PHE A 27 18.25 -7.84 -2.34
CA PHE A 27 18.42 -9.31 -2.45
C PHE A 27 17.23 -10.04 -1.89
N SER A 28 16.85 -9.71 -0.66
CA SER A 28 15.66 -10.31 -0.01
C SER A 28 14.35 -10.21 -0.84
N GLN A 29 14.17 -9.11 -1.54
CA GLN A 29 13.02 -8.93 -2.40
C GLN A 29 13.13 -9.65 -3.73
N TYR A 30 14.31 -9.65 -4.34
CA TYR A 30 14.53 -10.39 -5.60
C TYR A 30 14.42 -11.94 -5.35
N LEU A 31 15.00 -12.40 -4.23
CA LEU A 31 14.92 -13.78 -3.80
C LEU A 31 14.31 -13.88 -2.44
N GLN A 32 13.02 -14.09 -2.41
CA GLN A 32 12.25 -14.12 -1.19
C GLN A 32 12.44 -15.48 -0.51
N GLN A 33 12.56 -16.54 -1.32
CA GLN A 33 12.56 -17.90 -0.81
C GLN A 33 13.95 -18.32 -0.32
N CYS A 34 15.01 -17.57 -0.69
CA CYS A 34 16.45 -17.86 -0.31
C CYS A 34 16.78 -17.72 1.22
N PRO A 35 17.44 -18.72 1.85
CA PRO A 35 17.54 -18.53 3.33
C PRO A 35 18.41 -17.34 3.70
N PHE A 36 18.18 -16.77 4.88
CA PHE A 36 18.91 -15.61 5.40
C PHE A 36 20.45 -15.70 5.28
N GLU A 37 21.03 -16.81 5.71
CA GLU A 37 22.49 -16.92 5.80
C GLU A 37 23.10 -16.85 4.40
N ASP A 38 22.47 -17.50 3.41
CA ASP A 38 22.88 -17.36 2.01
C ASP A 38 22.93 -15.89 1.65
N HIS A 39 21.90 -15.12 1.99
CA HIS A 39 21.93 -13.65 1.68
C HIS A 39 23.00 -12.87 2.44
N VAL A 40 23.29 -13.17 3.70
CA VAL A 40 24.28 -12.39 4.43
C VAL A 40 25.62 -12.44 3.67
N LYS A 41 25.99 -13.66 3.29
CA LYS A 41 27.25 -13.86 2.59
C LYS A 41 27.32 -13.16 1.25
N LEU A 42 26.25 -13.20 0.48
CA LEU A 42 26.17 -12.39 -0.74
C LEU A 42 26.28 -10.90 -0.50
N VAL A 43 25.74 -10.37 0.60
CA VAL A 43 25.83 -8.96 0.89
C VAL A 43 27.24 -8.57 1.25
N ASN A 44 27.77 -9.16 2.29
CA ASN A 44 29.19 -8.98 2.60
C ASN A 44 30.11 -9.15 1.40
N GLU A 45 29.76 -10.06 0.49
CA GLU A 45 30.60 -10.36 -0.67
C GLU A 45 30.63 -9.20 -1.66
N VAL A 46 29.46 -8.72 -2.04
CA VAL A 46 29.28 -7.56 -2.92
C VAL A 46 29.83 -6.28 -2.29
N THR A 47 29.67 -6.21 -0.97
CA THR A 47 30.06 -5.05 -0.22
C THR A 47 31.58 -4.92 -0.17
N GLU A 48 32.25 -6.01 0.15
CA GLU A 48 33.71 -6.08 -0.01
C GLU A 48 34.30 -5.65 -1.37
N PHE A 49 33.61 -6.01 -2.43
CA PHE A 49 33.90 -5.61 -3.81
C PHE A 49 33.80 -4.10 -4.03
N ALA A 50 32.72 -3.54 -3.46
CA ALA A 50 32.46 -2.12 -3.49
C ALA A 50 33.64 -1.40 -2.92
N LYS A 51 34.03 -1.78 -1.70
CA LYS A 51 35.20 -1.21 -1.02
C LYS A 51 36.46 -1.22 -1.88
N LYS A 52 36.64 -2.36 -2.53
CA LYS A 52 37.80 -2.64 -3.38
C LYS A 52 37.73 -1.60 -4.49
N CYS A 53 36.66 -1.61 -5.29
CA CYS A 53 36.40 -0.63 -6.33
C CYS A 53 36.50 0.85 -5.87
N ALA A 54 36.00 1.17 -4.68
CA ALA A 54 36.08 2.54 -4.15
C ALA A 54 37.50 2.99 -3.96
N ALA A 55 38.41 2.07 -3.73
CA ALA A 55 39.82 2.38 -3.65
C ALA A 55 40.59 2.21 -4.96
N ASP A 56 40.02 1.54 -5.96
CA ASP A 56 40.54 1.67 -7.34
C ASP A 56 39.48 1.34 -8.40
N GLU A 57 38.90 2.39 -9.00
CA GLU A 57 37.76 2.22 -9.91
C GLU A 57 38.20 1.65 -11.28
N SER A 58 39.50 1.56 -11.51
CA SER A 58 39.98 0.87 -12.69
C SER A 58 40.08 -0.64 -12.54
N ALA A 59 40.12 -1.16 -11.31
CA ALA A 59 40.11 -2.62 -11.02
C ALA A 59 39.14 -3.44 -11.93
N GLU A 60 39.61 -4.58 -12.41
CA GLU A 60 38.81 -5.48 -13.24
C GLU A 60 37.37 -5.64 -12.67
N ASN A 61 36.39 -5.44 -13.54
CA ASN A 61 34.96 -5.54 -13.25
C ASN A 61 34.30 -4.36 -12.52
N CYS A 62 35.07 -3.36 -12.08
CA CYS A 62 34.49 -2.25 -11.27
C CYS A 62 33.49 -1.33 -12.06
N ASP A 63 33.61 -1.41 -13.40
CA ASP A 63 32.79 -0.67 -14.39
C ASP A 63 31.52 -1.32 -14.89
N LYS A 64 31.34 -2.60 -14.51
CA LYS A 64 30.05 -3.33 -14.69
C LYS A 64 28.82 -2.58 -14.09
N SER A 65 27.69 -2.63 -14.77
CA SER A 65 26.48 -2.03 -14.26
C SER A 65 26.08 -2.77 -12.92
N LEU A 66 25.37 -2.06 -12.03
CA LEU A 66 24.88 -2.60 -10.80
C LEU A 66 24.15 -3.96 -10.96
N HIS A 67 23.10 -3.94 -11.76
CA HIS A 67 22.48 -5.12 -12.35
C HIS A 67 23.41 -6.24 -12.77
N THR A 68 24.44 -5.93 -13.56
CA THR A 68 25.34 -6.97 -13.98
C THR A 68 25.88 -7.57 -12.68
N LEU A 69 26.40 -6.73 -11.78
CA LEU A 69 27.07 -7.23 -10.56
C LEU A 69 26.13 -8.01 -9.63
N PHE A 70 24.95 -7.46 -9.44
CA PHE A 70 23.96 -7.97 -8.53
C PHE A 70 23.30 -9.23 -9.04
N GLY A 71 22.88 -9.20 -10.30
CA GLY A 71 22.35 -10.38 -10.93
C GLY A 71 23.32 -11.56 -11.03
N ASP A 72 24.62 -11.29 -11.15
CA ASP A 72 25.68 -12.29 -11.16
C ASP A 72 25.80 -12.95 -9.80
N LYS A 73 25.70 -12.12 -8.77
CA LYS A 73 25.71 -12.55 -7.37
C LYS A 73 24.51 -13.46 -7.07
N LEU A 74 23.31 -13.02 -7.44
CA LEU A 74 22.10 -13.80 -7.20
C LEU A 74 22.10 -15.14 -7.91
N CYS A 75 22.61 -15.13 -9.13
CA CYS A 75 22.73 -16.32 -9.94
C CYS A 75 23.79 -17.38 -9.50
N THR A 76 24.60 -17.00 -8.51
CA THR A 76 25.45 -17.97 -7.78
C THR A 76 24.74 -18.74 -6.67
N VAL A 77 23.58 -18.28 -6.21
CA VAL A 77 22.96 -18.89 -4.99
C VAL A 77 22.55 -20.31 -5.22
N ALA A 78 22.99 -21.12 -4.27
CA ALA A 78 22.86 -22.56 -4.25
C ALA A 78 21.44 -23.05 -4.17
N THR A 79 21.18 -24.23 -4.82
CA THR A 79 19.83 -24.88 -4.86
C THR A 79 18.96 -23.98 -5.78
N LEU A 80 19.52 -23.76 -6.97
CA LEU A 80 18.95 -22.79 -7.81
C LEU A 80 17.57 -23.33 -8.25
N ARG A 81 17.48 -24.51 -8.82
CA ARG A 81 16.25 -24.75 -9.56
C ARG A 81 15.15 -25.25 -8.65
N ALA A 82 15.54 -26.09 -7.68
CA ALA A 82 14.63 -26.65 -6.64
C ALA A 82 13.94 -25.53 -5.78
N THR A 83 14.72 -24.62 -5.21
CA THR A 83 14.16 -23.61 -4.32
C THR A 83 13.49 -22.42 -5.11
N TYR A 84 13.98 -22.10 -6.32
CA TYR A 84 13.48 -20.96 -7.14
C TYR A 84 13.30 -21.43 -8.57
N GLY A 85 12.22 -22.11 -8.90
CA GLY A 85 12.12 -22.75 -10.23
C GLY A 85 12.36 -21.78 -11.35
N GLU A 86 11.51 -20.78 -11.34
CA GLU A 86 11.27 -19.93 -12.47
C GLU A 86 12.34 -18.84 -12.58
N LEU A 87 13.17 -18.72 -11.53
CA LEU A 87 14.21 -17.69 -11.46
C LEU A 87 15.52 -18.21 -11.99
N ALA A 88 15.73 -19.52 -11.99
CA ALA A 88 16.89 -20.09 -12.64
C ALA A 88 16.94 -19.82 -14.16
N ASP A 89 15.74 -19.69 -14.77
CA ASP A 89 15.62 -19.32 -16.18
C ASP A 89 16.13 -17.90 -16.38
N CYS A 90 15.98 -17.02 -15.38
CA CYS A 90 16.42 -15.64 -15.50
C CYS A 90 17.93 -15.61 -15.55
N CYS A 91 18.61 -16.47 -14.80
CA CYS A 91 20.07 -16.48 -14.81
C CYS A 91 20.71 -16.80 -16.15
N GLU A 92 19.96 -17.44 -17.03
CA GLU A 92 20.39 -17.69 -18.43
C GLU A 92 20.48 -16.39 -19.27
N LYS A 93 19.69 -15.39 -18.89
CA LYS A 93 19.66 -14.11 -19.60
C LYS A 93 20.84 -13.18 -19.32
N GLN A 94 21.05 -12.29 -20.31
CA GLN A 94 21.87 -11.10 -20.17
C GLN A 94 20.97 -10.00 -19.66
N GLU A 95 21.60 -8.99 -19.08
CA GLU A 95 20.95 -7.75 -18.69
C GLU A 95 20.71 -6.92 -19.95
N PRO A 96 19.62 -6.17 -20.03
CA PRO A 96 18.62 -5.98 -18.95
C PRO A 96 17.45 -6.94 -18.97
N GLU A 97 17.42 -7.91 -19.88
CA GLU A 97 16.42 -9.02 -19.82
C GLU A 97 16.40 -9.71 -18.44
N ARG A 98 17.61 -9.98 -17.93
CA ARG A 98 17.76 -10.77 -16.74
C ARG A 98 17.12 -10.03 -15.59
N ASN A 99 17.39 -8.72 -15.50
CA ASN A 99 16.82 -7.94 -14.42
C ASN A 99 15.29 -7.91 -14.51
N GLU A 100 14.82 -7.79 -15.74
CA GLU A 100 13.39 -7.70 -15.98
C GLU A 100 12.64 -9.00 -15.63
N CYS A 101 13.29 -10.15 -15.77
CA CYS A 101 12.70 -11.48 -15.43
C CYS A 101 12.66 -11.75 -13.90
N PHE A 102 13.73 -11.40 -13.22
CA PHE A 102 13.72 -11.28 -11.77
C PHE A 102 12.55 -10.44 -11.34
N LEU A 103 12.48 -9.21 -11.87
CA LEU A 103 11.45 -8.29 -11.47
C LEU A 103 10.07 -8.84 -11.71
N THR A 104 9.85 -9.38 -12.90
CA THR A 104 8.54 -9.96 -13.23
C THR A 104 8.14 -11.13 -12.30
N HIS A 105 9.11 -11.90 -11.80
CA HIS A 105 8.79 -13.09 -10.93
C HIS A 105 8.72 -12.80 -9.42
N LYS A 106 8.86 -11.55 -8.99
CA LYS A 106 8.60 -11.19 -7.61
C LYS A 106 7.16 -11.56 -7.20
N ASP A 107 7.02 -11.92 -5.91
CA ASP A 107 5.82 -12.61 -5.40
C ASP A 107 5.16 -11.80 -4.28
N ASP A 108 4.02 -11.22 -4.62
CA ASP A 108 3.24 -10.40 -3.69
C ASP A 108 2.58 -11.10 -2.50
N HIS A 109 2.36 -12.39 -2.59
CA HIS A 109 1.68 -13.10 -1.51
C HIS A 109 2.42 -14.40 -1.37
N PRO A 110 3.71 -14.33 -0.96
CA PRO A 110 4.52 -15.52 -0.81
C PRO A 110 4.00 -16.36 0.38
N ASN A 111 3.26 -15.74 1.30
CA ASN A 111 2.48 -16.48 2.24
C ASN A 111 3.40 -17.36 3.12
N LEU A 112 4.37 -16.68 3.72
CA LEU A 112 5.30 -17.21 4.68
C LEU A 112 4.69 -17.05 6.08
N PRO A 113 5.27 -17.73 7.08
CA PRO A 113 4.73 -17.64 8.41
C PRO A 113 4.63 -16.21 8.93
N LYS A 114 3.51 -15.91 9.56
CA LYS A 114 3.29 -14.66 10.28
C LYS A 114 4.43 -14.41 11.28
N LEU A 115 4.85 -13.16 11.43
CA LEU A 115 5.99 -12.82 12.31
C LEU A 115 5.52 -12.60 13.75
N LYS A 116 5.60 -13.67 14.56
CA LYS A 116 5.37 -13.59 16.02
C LYS A 116 6.69 -13.15 16.76
N PRO A 117 6.63 -12.10 17.60
CA PRO A 117 7.73 -11.79 18.52
C PRO A 117 8.03 -12.89 19.54
N GLU A 118 9.31 -13.28 19.64
CA GLU A 118 9.84 -14.18 20.72
C GLU A 118 10.75 -13.35 21.68
N PRO A 119 10.13 -12.57 22.60
CA PRO A 119 10.84 -11.45 23.27
C PRO A 119 12.10 -11.79 24.07
N ASP A 120 12.09 -12.95 24.74
CA ASP A 120 13.28 -13.48 25.46
C ASP A 120 14.39 -13.87 24.49
N ALA A 121 14.01 -14.74 23.55
CA ALA A 121 14.94 -15.35 22.60
C ALA A 121 15.46 -14.35 21.56
N GLN A 122 14.71 -13.26 21.33
CA GLN A 122 15.17 -12.18 20.40
C GLN A 122 16.02 -11.11 21.09
N CYS A 123 15.72 -10.78 22.37
CA CYS A 123 16.55 -9.86 23.13
C CYS A 123 17.93 -10.48 23.30
N ALA A 124 17.95 -11.79 23.46
CA ALA A 124 19.18 -12.56 23.60
C ALA A 124 19.96 -12.45 22.32
N ALA A 125 19.31 -12.74 21.19
CA ALA A 125 19.93 -12.59 19.86
C ALA A 125 20.31 -11.13 19.51
N PHE A 126 19.51 -10.16 20.01
CA PHE A 126 19.81 -8.73 19.90
C PHE A 126 21.10 -8.35 20.61
N GLN A 127 21.16 -8.66 21.90
CA GLN A 127 22.38 -8.36 22.66
C GLN A 127 23.62 -9.16 22.16
N GLU A 128 23.42 -10.41 21.72
CA GLU A 128 24.55 -11.29 21.32
C GLU A 128 25.12 -10.86 19.96
N ASP A 129 24.24 -10.56 18.98
CA ASP A 129 24.68 -9.96 17.72
C ASP A 129 23.62 -9.01 17.10
N PRO A 130 23.71 -7.69 17.42
CA PRO A 130 22.66 -6.76 16.92
C PRO A 130 22.57 -6.61 15.37
N ASP A 131 23.72 -6.62 14.69
CA ASP A 131 23.83 -6.52 13.21
C ASP A 131 23.09 -7.65 12.53
N LYS A 132 23.35 -8.87 13.00
CA LYS A 132 22.64 -10.08 12.55
C LYS A 132 21.17 -9.96 12.84
N PHE A 133 20.84 -9.42 14.00
CA PHE A 133 19.46 -9.30 14.45
C PHE A 133 18.65 -8.29 13.63
N LEU A 134 19.26 -7.15 13.38
CA LEU A 134 18.67 -6.08 12.55
C LEU A 134 18.65 -6.48 11.09
N GLY A 135 19.76 -7.01 10.60
CA GLY A 135 19.80 -7.59 9.26
C GLY A 135 18.63 -8.53 9.01
N LYS A 136 18.45 -9.48 9.95
CA LYS A 136 17.32 -10.43 9.88
C LYS A 136 15.95 -9.76 9.84
N TYR A 137 15.73 -8.69 10.59
CA TYR A 137 14.52 -7.89 10.43
C TYR A 137 14.28 -7.29 8.97
N LEU A 138 15.33 -6.70 8.39
CA LEU A 138 15.25 -6.19 7.03
C LEU A 138 14.84 -7.32 6.11
N TYR A 139 15.56 -8.42 6.22
CA TYR A 139 15.34 -9.63 5.43
C TYR A 139 13.89 -10.09 5.46
N GLU A 140 13.33 -10.19 6.65
CA GLU A 140 12.00 -10.76 6.84
C GLU A 140 10.92 -9.84 6.28
N VAL A 141 11.14 -8.54 6.45
CA VAL A 141 10.12 -7.59 6.04
C VAL A 141 10.25 -7.51 4.56
N ALA A 142 11.45 -7.28 4.05
CA ALA A 142 11.74 -7.26 2.58
C ALA A 142 11.15 -8.46 1.84
N ARG A 143 11.46 -9.64 2.39
CA ARG A 143 11.01 -10.91 1.89
C ARG A 143 9.49 -10.92 1.62
N ARG A 144 8.74 -10.40 2.61
CA ARG A 144 7.28 -10.43 2.60
C ARG A 144 6.56 -9.38 1.80
N HIS A 145 7.29 -8.26 1.66
CA HIS A 145 6.92 -7.07 0.90
C HIS A 145 8.01 -6.79 -0.12
N PRO A 146 8.02 -7.55 -1.25
CA PRO A 146 9.08 -7.40 -2.30
C PRO A 146 9.19 -5.97 -3.04
N TYR A 147 8.14 -5.14 -2.91
CA TYR A 147 8.17 -3.74 -3.34
C TYR A 147 8.16 -2.77 -2.17
N PHE A 148 8.62 -3.18 -0.98
CA PHE A 148 8.74 -2.18 0.09
C PHE A 148 9.79 -1.10 -0.35
N TYR A 149 9.52 0.16 0.02
CA TYR A 149 10.34 1.34 -0.24
C TYR A 149 11.57 1.21 0.60
N GLY A 150 12.65 0.78 -0.06
CA GLY A 150 13.94 0.51 0.52
C GLY A 150 14.48 1.43 1.57
N PRO A 151 14.75 2.71 1.24
CA PRO A 151 15.26 3.59 2.29
C PRO A 151 14.37 3.61 3.52
N GLU A 152 13.06 3.60 3.32
CA GLU A 152 12.11 3.62 4.42
C GLU A 152 12.14 2.33 5.36
N LEU A 153 12.64 1.21 4.86
CA LEU A 153 12.70 0.01 5.61
C LEU A 153 13.85 0.13 6.61
N LEU A 154 14.99 0.63 6.16
CA LEU A 154 16.10 1.06 7.01
C LEU A 154 15.65 2.04 8.09
N PHE A 155 14.78 2.97 7.77
CA PHE A 155 14.20 3.83 8.79
C PHE A 155 13.47 2.93 9.82
N HIS A 156 12.62 2.01 9.36
CA HIS A 156 11.83 1.18 10.29
C HIS A 156 12.70 0.14 11.12
N ALA A 157 13.74 -0.41 10.52
CA ALA A 157 14.87 -1.00 11.19
C ALA A 157 15.52 -0.15 12.27
N GLU A 158 15.55 1.17 12.16
CA GLU A 158 16.07 2.02 13.27
C GLU A 158 15.08 2.06 14.46
N GLU A 159 13.78 1.99 14.18
CA GLU A 159 12.76 1.96 15.23
C GLU A 159 12.60 0.58 15.89
N TYR A 160 12.99 -0.48 15.19
CA TYR A 160 12.91 -1.84 15.71
C TYR A 160 14.14 -2.03 16.62
N LYS A 161 15.28 -1.39 16.28
CA LYS A 161 16.42 -1.20 17.19
C LYS A 161 16.04 -0.38 18.45
N ALA A 162 15.47 0.82 18.29
CA ALA A 162 15.15 1.68 19.45
C ALA A 162 14.29 0.92 20.48
N ASP A 163 13.30 0.20 19.94
CA ASP A 163 12.41 -0.71 20.68
C ASP A 163 13.07 -1.84 21.49
N PHE A 164 13.71 -2.81 20.85
CA PHE A 164 14.55 -3.83 21.56
C PHE A 164 15.62 -3.21 22.46
N THR A 165 16.03 -1.97 22.22
CA THR A 165 17.05 -1.32 23.08
C THR A 165 16.43 -0.94 24.44
N GLU A 166 15.23 -0.40 24.45
CA GLU A 166 14.58 0.18 25.65
C GLU A 166 13.88 -0.89 26.51
N CYS A 167 13.27 -1.84 25.80
CA CYS A 167 12.56 -2.96 26.41
C CYS A 167 13.47 -4.13 26.87
N CYS A 168 14.60 -4.39 26.19
CA CYS A 168 15.47 -5.55 26.58
C CYS A 168 16.17 -5.42 27.96
N PRO A 169 16.74 -4.24 28.28
CA PRO A 169 17.22 -3.96 29.65
C PRO A 169 16.12 -4.01 30.74
N ALA A 170 14.85 -3.83 30.38
CA ALA A 170 13.73 -3.82 31.36
C ALA A 170 13.36 -5.16 32.05
N ASP A 171 12.71 -4.98 33.19
CA ASP A 171 12.12 -6.05 34.03
C ASP A 171 11.20 -7.06 33.30
N ASP A 172 10.20 -6.50 32.61
CA ASP A 172 9.23 -7.25 31.82
C ASP A 172 9.47 -6.80 30.37
N LYS A 173 10.16 -7.66 29.63
CA LYS A 173 10.61 -7.34 28.29
C LYS A 173 9.38 -7.48 27.38
N ALA A 174 8.60 -8.53 27.65
CA ALA A 174 7.42 -8.88 26.86
C ALA A 174 6.25 -7.89 26.98
N GLY A 175 6.23 -7.11 28.05
CA GLY A 175 5.14 -6.16 28.29
C GLY A 175 5.38 -4.80 27.67
N CYS A 176 6.65 -4.38 27.67
CA CYS A 176 7.14 -3.18 26.97
C CYS A 176 7.06 -3.37 25.44
N LEU A 177 7.57 -4.52 25.01
CA LEU A 177 7.99 -4.78 23.64
C LEU A 177 6.88 -5.16 22.66
N ILE A 178 5.86 -5.89 23.14
CA ILE A 178 4.81 -6.43 22.26
C ILE A 178 3.88 -5.35 21.63
N PRO A 179 3.38 -4.38 22.45
CA PRO A 179 2.58 -3.27 21.86
C PRO A 179 3.35 -2.35 20.92
N LYS A 180 4.65 -2.15 21.16
CA LYS A 180 5.52 -1.47 20.20
C LYS A 180 5.67 -2.23 18.90
N LEU A 181 5.97 -3.51 19.02
CA LEU A 181 6.17 -4.37 17.83
C LEU A 181 4.87 -4.57 17.07
N ASP A 182 3.73 -4.39 17.75
CA ASP A 182 2.42 -4.40 17.09
C ASP A 182 2.18 -3.09 16.36
N ALA A 183 2.52 -1.95 16.99
CA ALA A 183 2.36 -0.63 16.36
C ALA A 183 3.20 -0.59 15.07
N LEU A 184 4.45 -1.02 15.17
CA LEU A 184 5.39 -1.06 14.05
C LEU A 184 4.94 -1.91 12.84
N LYS A 185 4.34 -3.05 13.15
CA LYS A 185 3.80 -3.91 12.11
C LYS A 185 2.66 -3.21 11.38
N GLU A 186 1.86 -2.44 12.10
CA GLU A 186 0.76 -1.70 11.52
C GLU A 186 1.36 -0.65 10.56
N ARG A 187 2.41 0.04 11.02
CA ARG A 187 3.11 1.04 10.22
C ARG A 187 3.81 0.42 9.02
N ILE A 188 4.38 -0.75 9.21
CA ILE A 188 4.98 -1.50 8.12
C ILE A 188 3.97 -1.77 7.03
N LEU A 189 2.78 -2.21 7.43
CA LEU A 189 1.78 -2.69 6.47
C LEU A 189 1.19 -1.54 5.67
N LEU A 190 0.96 -0.42 6.33
CA LEU A 190 0.48 0.80 5.70
C LEU A 190 1.51 1.34 4.63
N SER A 191 2.78 1.34 5.05
CA SER A 191 3.89 1.80 4.26
C SER A 191 4.05 0.92 3.07
N SER A 192 4.01 -0.41 3.23
CA SER A 192 4.06 -1.35 2.09
C SER A 192 2.91 -1.14 1.12
N ALA A 193 1.72 -0.87 1.65
CA ALA A 193 0.54 -0.62 0.85
C ALA A 193 0.68 0.68 0.00
N LYS A 194 1.25 1.76 0.59
CA LYS A 194 1.50 3.07 -0.13
C LYS A 194 2.52 2.86 -1.24
N GLU A 195 3.63 2.21 -0.92
CA GLU A 195 4.61 1.95 -1.94
C GLU A 195 4.12 1.02 -3.06
N ARG A 196 3.24 0.04 -2.74
CA ARG A 196 2.73 -0.88 -3.73
C ARG A 196 1.76 -0.26 -4.70
N LEU A 197 0.96 0.70 -4.23
CA LEU A 197 0.16 1.59 -5.04
C LEU A 197 1.06 2.43 -6.00
N LYS A 198 2.20 2.94 -5.55
CA LYS A 198 3.17 3.59 -6.43
C LYS A 198 3.67 2.65 -7.50
N CYS A 199 4.21 1.52 -7.11
CA CYS A 199 4.74 0.59 -8.10
C CYS A 199 3.65 0.05 -9.05
N SER A 200 2.44 -0.14 -8.54
CA SER A 200 1.34 -0.67 -9.35
C SER A 200 0.91 0.32 -10.40
N SER A 201 0.93 1.60 -10.03
CA SER A 201 0.64 2.69 -10.94
C SER A 201 1.64 2.82 -12.10
N PHE A 202 2.93 2.70 -11.81
CA PHE A 202 3.95 2.59 -12.88
C PHE A 202 3.73 1.41 -13.83
N GLN A 203 3.54 0.24 -13.22
CA GLN A 203 3.33 -1.00 -13.95
C GLN A 203 2.15 -0.94 -14.91
N ASN A 204 1.01 -0.46 -14.40
CA ASN A 204 -0.29 -0.50 -15.10
C ASN A 204 -0.73 0.75 -15.82
N PHE A 205 -0.35 1.91 -15.31
CA PHE A 205 -0.77 3.18 -15.85
C PHE A 205 0.36 4.06 -16.40
N GLY A 206 1.57 3.78 -15.97
CA GLY A 206 2.74 4.44 -16.47
C GLY A 206 3.10 5.62 -15.62
N GLU A 207 4.17 6.23 -16.03
CA GLU A 207 4.82 7.30 -15.28
C GLU A 207 3.97 8.58 -15.24
N ARG A 208 3.19 8.82 -16.27
CA ARG A 208 2.30 9.97 -16.28
C ARG A 208 1.26 9.98 -15.17
N ALA A 209 0.72 8.78 -14.87
CA ALA A 209 -0.29 8.64 -13.88
C ALA A 209 0.30 8.83 -12.50
N VAL A 210 1.56 8.44 -12.32
CA VAL A 210 2.26 8.68 -11.06
C VAL A 210 2.53 10.19 -10.84
N LYS A 211 2.97 10.88 -11.89
CA LYS A 211 3.16 12.33 -11.93
C LYS A 211 1.94 13.13 -11.60
N ALA A 212 0.85 12.78 -12.25
CA ALA A 212 -0.44 13.39 -11.96
C ALA A 212 -0.82 13.22 -10.48
N TRP A 213 -0.73 12.00 -9.96
CA TRP A 213 -1.02 11.70 -8.56
C TRP A 213 -0.18 12.52 -7.62
N SER A 214 1.07 12.65 -7.96
CA SER A 214 2.03 13.29 -7.16
C SER A 214 1.88 14.85 -7.27
N VAL A 215 1.52 15.37 -8.43
CA VAL A 215 1.19 16.80 -8.55
C VAL A 215 0.07 17.07 -7.55
N ALA A 216 -1.04 16.35 -7.68
CA ALA A 216 -2.15 16.49 -6.77
C ALA A 216 -1.76 16.50 -5.29
N ARG A 217 -0.99 15.51 -4.86
CA ARG A 217 -0.80 15.34 -3.46
C ARG A 217 0.15 16.33 -2.91
N LEU A 218 1.28 16.47 -3.60
CA LEU A 218 2.26 17.57 -3.23
C LEU A 218 1.67 19.00 -3.32
N SER A 219 0.74 19.23 -4.23
CA SER A 219 0.12 20.58 -4.30
C SER A 219 -0.74 20.77 -3.07
N GLN A 220 -1.39 19.69 -2.59
CA GLN A 220 -2.20 19.79 -1.36
C GLN A 220 -1.32 20.04 -0.15
N LYS A 221 -0.17 19.43 -0.18
CA LYS A 221 0.71 19.44 0.95
C LYS A 221 1.46 20.72 1.09
N PHE A 222 1.81 21.31 -0.07
CA PHE A 222 2.69 22.45 -0.15
C PHE A 222 2.00 23.59 -0.90
N PRO A 223 0.87 24.06 -0.36
CA PRO A 223 0.10 25.03 -1.12
C PRO A 223 0.80 26.37 -1.37
N LYS A 224 1.75 26.76 -0.49
CA LYS A 224 2.59 27.98 -0.63
C LYS A 224 3.52 27.90 -1.85
N ALA A 225 3.91 26.72 -2.27
CA ALA A 225 4.85 26.54 -3.37
C ALA A 225 4.22 26.89 -4.72
N ASP A 226 5.03 27.51 -5.57
CA ASP A 226 4.64 27.79 -6.98
C ASP A 226 4.72 26.52 -7.82
N PHE A 227 3.96 26.53 -8.92
CA PHE A 227 3.89 25.41 -9.82
C PHE A 227 5.28 24.90 -10.17
N ALA A 228 6.16 25.80 -10.60
CA ALA A 228 7.59 25.50 -10.81
C ALA A 228 8.18 24.47 -9.85
N GLU A 229 7.95 24.72 -8.58
CA GLU A 229 8.69 24.13 -7.53
C GLU A 229 8.03 22.73 -7.23
N VAL A 230 6.69 22.66 -7.13
CA VAL A 230 6.01 21.38 -7.14
C VAL A 230 6.42 20.52 -8.35
N SER A 231 6.46 21.09 -9.57
CA SER A 231 6.92 20.31 -10.75
C SER A 231 8.28 19.70 -10.55
N LYS A 232 9.19 20.49 -10.00
CA LYS A 232 10.56 20.06 -9.81
C LYS A 232 10.62 18.92 -8.77
N ILE A 233 9.89 19.07 -7.67
CA ILE A 233 9.88 18.07 -6.63
C ILE A 233 9.25 16.77 -7.13
N VAL A 234 8.10 16.93 -7.79
CA VAL A 234 7.42 15.84 -8.45
C VAL A 234 8.30 15.18 -9.51
N THR A 235 9.02 15.92 -10.35
CA THR A 235 9.87 15.24 -11.32
C THR A 235 10.90 14.38 -10.57
N ASP A 236 11.48 14.92 -9.52
CA ASP A 236 12.51 14.23 -8.77
C ASP A 236 11.93 13.02 -8.02
N LEU A 237 10.82 13.21 -7.32
CA LEU A 237 10.15 12.16 -6.59
C LEU A 237 9.67 11.01 -7.43
N THR A 238 9.24 11.32 -8.66
CA THR A 238 8.85 10.31 -9.60
C THR A 238 10.02 9.49 -10.07
N LYS A 239 11.17 10.12 -10.31
CA LYS A 239 12.35 9.35 -10.63
C LYS A 239 12.84 8.39 -9.46
N VAL A 240 12.74 8.85 -8.22
CA VAL A 240 13.12 8.09 -7.02
C VAL A 240 12.37 6.77 -6.94
N HIS A 241 11.04 6.88 -7.04
CA HIS A 241 10.11 5.76 -6.93
C HIS A 241 10.16 4.90 -8.17
N LYS A 242 10.43 5.46 -9.35
CA LYS A 242 10.55 4.65 -10.54
C LYS A 242 11.69 3.68 -10.32
N GLU A 243 12.77 4.19 -9.80
CA GLU A 243 14.00 3.44 -9.54
C GLU A 243 13.76 2.36 -8.52
N CYS A 244 13.22 2.74 -7.37
CA CYS A 244 12.94 1.79 -6.30
C CYS A 244 12.02 0.70 -6.81
N CYS A 245 10.98 1.09 -7.55
CA CYS A 245 10.02 0.16 -8.08
C CYS A 245 10.55 -0.87 -9.05
N HIS A 246 11.60 -0.48 -9.74
CA HIS A 246 12.23 -1.26 -10.75
C HIS A 246 13.45 -2.02 -10.11
N GLY A 247 13.65 -1.79 -8.80
CA GLY A 247 14.61 -2.51 -8.00
C GLY A 247 15.98 -1.92 -7.86
N ASP A 248 16.20 -0.75 -8.46
CA ASP A 248 17.47 -0.08 -8.39
C ASP A 248 17.52 0.65 -7.05
N LEU A 249 17.76 -0.06 -5.97
CA LEU A 249 17.54 0.51 -4.64
C LEU A 249 18.63 1.51 -4.23
N LEU A 250 19.87 1.21 -4.60
CA LEU A 250 21.02 2.10 -4.32
C LEU A 250 20.87 3.43 -4.99
N GLU A 251 20.48 3.42 -6.26
CA GLU A 251 20.21 4.65 -7.04
C GLU A 251 19.10 5.48 -6.35
N CYS A 252 17.92 4.83 -6.18
CA CYS A 252 16.77 5.34 -5.42
C CYS A 252 17.08 6.05 -4.11
N ALA A 253 17.89 5.46 -3.27
CA ALA A 253 18.26 6.07 -2.01
C ALA A 253 19.12 7.31 -2.19
N ASP A 254 20.11 7.20 -3.08
CA ASP A 254 21.01 8.31 -3.40
C ASP A 254 20.13 9.47 -3.92
N ASP A 255 19.29 9.21 -4.90
CA ASP A 255 18.46 10.27 -5.43
C ASP A 255 17.50 10.84 -4.37
N ARG A 256 17.02 10.00 -3.48
CA ARG A 256 16.10 10.44 -2.42
C ARG A 256 16.77 11.39 -1.43
N ALA A 257 18.03 11.17 -1.15
CA ALA A 257 18.75 11.99 -0.21
C ALA A 257 19.04 13.37 -0.81
N ASP A 258 19.38 13.39 -2.09
CA ASP A 258 19.50 14.66 -2.86
C ASP A 258 18.19 15.42 -2.90
N LEU A 259 17.06 14.74 -2.93
CA LEU A 259 15.78 15.43 -2.98
C LEU A 259 15.44 15.98 -1.64
N ALA A 260 15.85 15.27 -0.59
CA ALA A 260 15.56 15.69 0.78
C ALA A 260 16.44 16.86 1.14
N LYS A 261 17.68 16.83 0.67
CA LYS A 261 18.58 17.98 0.78
C LYS A 261 17.95 19.18 0.13
N TYR A 262 17.49 19.00 -1.10
CA TYR A 262 16.91 20.09 -1.87
C TYR A 262 15.75 20.76 -1.16
N ILE A 263 14.75 19.96 -0.80
CA ILE A 263 13.56 20.44 -0.13
C ILE A 263 13.94 21.26 1.11
N CYS A 264 14.91 20.77 1.92
CA CYS A 264 15.36 21.46 3.14
C CYS A 264 16.19 22.68 2.81
N GLU A 265 16.99 22.65 1.74
CA GLU A 265 17.58 23.90 1.15
C GLU A 265 16.53 25.02 0.90
N HIS A 266 15.28 24.68 0.58
CA HIS A 266 14.33 25.58 -0.06
C HIS A 266 13.02 25.67 0.67
N GLN A 267 13.05 25.39 1.96
CA GLN A 267 11.80 25.18 2.61
C GLN A 267 10.97 26.46 2.71
N ASP A 268 11.64 27.60 2.91
CA ASP A 268 11.04 28.94 2.74
C ASP A 268 10.12 29.08 1.50
N SER A 269 10.45 28.42 0.39
CA SER A 269 9.62 28.52 -0.80
C SER A 269 8.81 27.23 -1.06
N ILE A 270 8.66 26.39 -0.04
CA ILE A 270 7.91 25.11 -0.19
C ILE A 270 6.91 24.94 0.96
N SER A 271 7.41 24.98 2.18
CA SER A 271 6.50 24.93 3.28
C SER A 271 7.08 25.30 4.62
N GLY A 272 6.22 25.85 5.45
CA GLY A 272 6.61 26.23 6.79
C GLY A 272 6.51 25.13 7.78
N LYS A 273 6.16 23.90 7.35
CA LYS A 273 6.16 22.68 8.18
C LYS A 273 7.36 21.79 8.03
N LEU A 274 8.36 22.18 7.25
CA LEU A 274 9.48 21.31 6.96
C LEU A 274 10.61 21.51 7.98
N LYS A 275 10.32 22.24 9.04
CA LYS A 275 11.34 22.86 9.86
C LYS A 275 11.86 21.85 10.85
N ALA A 276 10.93 21.12 11.47
CA ALA A 276 11.28 20.03 12.38
C ALA A 276 11.91 18.87 11.58
N CYS A 277 11.37 18.61 10.39
CA CYS A 277 11.93 17.57 9.52
C CYS A 277 13.38 17.83 9.15
N CYS A 278 13.72 19.10 8.87
CA CYS A 278 15.01 19.37 8.29
C CYS A 278 16.15 19.34 9.29
N ASP A 279 15.84 19.36 10.59
CA ASP A 279 16.81 19.25 11.68
C ASP A 279 17.07 17.79 12.16
N LYS A 280 17.27 16.86 11.21
CA LYS A 280 17.35 15.41 11.51
C LYS A 280 18.39 14.65 10.66
N PRO A 281 18.81 13.45 11.12
CA PRO A 281 19.60 12.58 10.22
C PRO A 281 18.88 12.22 8.93
N LEU A 282 19.64 11.73 7.96
CA LEU A 282 19.13 11.50 6.63
C LEU A 282 17.82 10.73 6.65
N LEU A 283 17.84 9.49 7.14
CA LEU A 283 16.63 8.63 7.10
C LEU A 283 15.43 9.21 7.86
N GLN A 284 15.68 9.89 8.99
CA GLN A 284 14.56 10.40 9.81
C GLN A 284 13.93 11.60 9.09
N LYS A 285 14.77 12.34 8.37
CA LYS A 285 14.40 13.58 7.69
C LYS A 285 13.58 13.30 6.46
N SER A 286 14.09 12.39 5.64
CA SER A 286 13.36 11.91 4.47
C SER A 286 12.00 11.37 4.87
N HIS A 287 11.95 10.60 5.96
CA HIS A 287 10.70 10.08 6.51
C HIS A 287 9.77 11.19 6.93
N CYS A 288 10.26 12.14 7.71
CA CYS A 288 9.45 13.27 8.16
C CYS A 288 8.88 14.08 6.96
N ILE A 289 9.74 14.39 5.99
CA ILE A 289 9.29 15.08 4.76
C ILE A 289 8.23 14.25 4.10
N ALA A 290 8.43 12.93 4.06
CA ALA A 290 7.51 12.12 3.32
C ALA A 290 6.16 12.02 3.91
N GLU A 291 6.02 12.39 5.18
CA GLU A 291 4.72 12.33 5.94
C GLU A 291 4.27 13.67 6.48
N VAL A 292 5.00 14.73 6.16
CA VAL A 292 4.77 16.04 6.74
C VAL A 292 3.28 16.45 6.56
N LYS A 293 2.70 17.03 7.61
CA LYS A 293 1.36 17.65 7.55
C LYS A 293 1.29 18.65 6.37
N GLU A 294 0.06 18.92 5.97
CA GLU A 294 -0.22 19.90 5.01
C GLU A 294 -0.03 21.32 5.58
N ASP A 295 0.61 22.20 4.80
CA ASP A 295 0.82 23.60 5.21
C ASP A 295 -0.50 24.35 5.26
N ASP A 296 -0.56 25.46 6.03
CA ASP A 296 -1.73 26.38 6.01
C ASP A 296 -1.96 26.95 4.61
N LEU A 297 -3.22 27.12 4.24
CA LEU A 297 -3.56 27.76 2.96
C LEU A 297 -3.04 29.21 2.90
N PRO A 298 -2.47 29.63 1.74
CA PRO A 298 -2.10 31.07 1.65
C PRO A 298 -3.26 32.05 1.42
N SER A 299 -3.08 33.28 1.89
CA SER A 299 -4.10 34.35 1.73
C SER A 299 -4.33 34.83 0.29
N ASP A 300 -3.43 34.43 -0.63
CA ASP A 300 -3.35 34.98 -1.96
C ASP A 300 -3.68 33.99 -3.03
N LEU A 301 -4.45 32.96 -2.68
CA LEU A 301 -4.85 31.95 -3.65
C LEU A 301 -5.71 32.63 -4.70
N PRO A 302 -5.41 32.30 -5.96
CA PRO A 302 -6.07 32.95 -7.07
C PRO A 302 -7.48 32.42 -7.22
N ALA A 303 -8.31 33.18 -7.90
CA ALA A 303 -9.59 32.69 -8.35
C ALA A 303 -9.37 31.92 -9.63
N LEU A 304 -9.81 30.69 -9.64
CA LEU A 304 -9.60 29.83 -10.77
C LEU A 304 -10.57 30.05 -11.91
N ALA A 305 -11.76 30.53 -11.60
CA ALA A 305 -12.84 30.66 -12.59
C ALA A 305 -12.46 31.45 -13.82
N ALA A 306 -11.97 32.69 -13.62
CA ALA A 306 -11.48 33.52 -14.71
C ALA A 306 -10.55 32.79 -15.68
N ASP A 307 -9.50 32.21 -15.13
CA ASP A 307 -8.45 31.51 -15.90
C ASP A 307 -8.84 30.17 -16.54
N PHE A 308 -9.70 29.40 -15.84
CA PHE A 308 -10.10 28.03 -16.24
C PHE A 308 -11.53 27.83 -16.77
N ALA A 309 -12.41 28.79 -16.56
CA ALA A 309 -13.73 28.72 -17.16
C ALA A 309 -14.21 29.95 -17.98
N GLU A 310 -13.77 31.14 -17.66
CA GLU A 310 -14.29 32.36 -18.33
C GLU A 310 -13.47 32.88 -19.51
N ASP A 311 -12.18 32.57 -19.52
CA ASP A 311 -11.24 33.10 -20.50
C ASP A 311 -11.52 32.62 -21.94
N LYS A 312 -11.54 33.54 -22.89
CA LYS A 312 -11.87 33.15 -24.27
C LYS A 312 -10.76 32.36 -25.04
N GLU A 313 -9.52 32.48 -24.41
CA GLU A 313 -8.30 32.00 -25.05
C GLU A 313 -7.96 30.57 -24.59
N ILE A 314 -8.95 29.82 -24.12
CA ILE A 314 -8.68 28.61 -23.30
C ILE A 314 -8.23 27.39 -24.15
N CYS A 315 -8.98 27.13 -25.22
CA CYS A 315 -8.65 26.14 -26.26
C CYS A 315 -7.29 26.31 -26.90
N LYS A 316 -6.86 27.57 -27.01
CA LYS A 316 -5.61 27.88 -27.67
C LYS A 316 -4.52 27.54 -26.63
N HIS A 317 -4.61 28.21 -25.49
CA HIS A 317 -3.76 27.92 -24.34
C HIS A 317 -3.58 26.41 -24.19
N TYR A 318 -4.65 25.67 -24.40
CA TYR A 318 -4.72 24.21 -24.20
C TYR A 318 -4.17 23.37 -25.34
N LYS A 319 -4.34 23.85 -26.57
CA LYS A 319 -3.75 23.17 -27.71
C LYS A 319 -2.24 23.48 -27.74
N ASP A 320 -1.80 24.57 -27.09
CA ASP A 320 -0.38 25.00 -27.11
C ASP A 320 0.57 24.16 -26.31
N ALA A 321 0.13 23.80 -25.11
CA ALA A 321 0.78 22.76 -24.28
C ALA A 321 -0.32 22.20 -23.38
N LYS A 322 -0.88 21.05 -23.72
CA LYS A 322 -2.00 20.51 -22.93
C LYS A 322 -1.54 20.28 -21.51
N ASP A 323 -0.38 19.63 -21.42
CA ASP A 323 0.06 19.00 -20.20
C ASP A 323 0.46 19.99 -19.15
N VAL A 324 0.96 21.14 -19.59
CA VAL A 324 1.27 22.27 -18.73
C VAL A 324 -0.01 23.01 -18.34
N PHE A 325 -0.90 23.26 -19.29
CA PHE A 325 -2.19 23.81 -18.96
C PHE A 325 -2.93 22.87 -17.95
N LEU A 326 -2.99 21.57 -18.20
CA LEU A 326 -3.67 20.60 -17.29
C LEU A 326 -2.96 20.42 -15.97
N GLY A 327 -1.64 20.32 -16.01
CA GLY A 327 -0.82 20.25 -14.80
C GLY A 327 -1.07 21.45 -13.91
N THR A 328 -1.16 22.62 -14.55
CA THR A 328 -1.47 23.86 -13.85
C THR A 328 -2.88 23.77 -13.21
N PHE A 329 -3.89 23.37 -13.97
CA PHE A 329 -5.24 23.34 -13.37
C PHE A 329 -5.15 22.34 -12.17
N LEU A 330 -4.60 21.16 -12.40
CA LEU A 330 -4.47 20.19 -11.32
C LEU A 330 -3.72 20.77 -10.09
N TYR A 331 -2.58 21.42 -10.29
CA TYR A 331 -1.85 22.04 -9.17
C TYR A 331 -2.73 23.05 -8.39
N GLU A 332 -3.42 23.95 -9.11
CA GLU A 332 -4.26 24.96 -8.47
C GLU A 332 -5.50 24.41 -7.74
N TYR A 333 -6.26 23.58 -8.44
CA TYR A 333 -7.41 22.91 -7.85
C TYR A 333 -7.00 22.11 -6.61
N SER A 334 -5.86 21.44 -6.68
CA SER A 334 -5.39 20.56 -5.60
C SER A 334 -5.00 21.30 -4.34
N ARG A 335 -4.18 22.32 -4.49
CA ARG A 335 -3.76 23.09 -3.32
C ARG A 335 -4.82 23.85 -2.53
N ARG A 336 -5.90 24.26 -3.19
CA ARG A 336 -7.07 24.78 -2.47
C ARG A 336 -8.05 23.74 -1.89
N HIS A 337 -7.72 22.48 -2.09
CA HIS A 337 -8.58 21.34 -1.68
C HIS A 337 -7.87 20.23 -0.96
N PRO A 338 -7.26 20.54 0.21
CA PRO A 338 -6.77 19.40 1.07
C PRO A 338 -7.92 18.52 1.64
N ASP A 339 -9.12 19.07 1.65
CA ASP A 339 -10.30 18.39 2.04
C ASP A 339 -10.82 17.42 0.95
N TYR A 340 -10.13 17.31 -0.20
CA TYR A 340 -10.43 16.26 -1.22
C TYR A 340 -9.37 15.14 -1.23
N SER A 341 -9.78 13.96 -1.72
CA SER A 341 -8.86 12.83 -1.89
C SER A 341 -8.09 12.97 -3.17
N VAL A 342 -6.98 12.24 -3.30
CA VAL A 342 -6.14 12.42 -4.46
C VAL A 342 -6.90 11.96 -5.69
N SER A 343 -7.53 10.84 -5.55
CA SER A 343 -8.27 10.20 -6.61
CA SER A 343 -8.22 10.24 -6.65
C SER A 343 -9.41 11.12 -7.07
N LEU A 344 -10.09 11.75 -6.12
CA LEU A 344 -11.16 12.69 -6.46
C LEU A 344 -10.59 13.93 -7.29
N LEU A 345 -9.49 14.49 -6.81
CA LEU A 345 -8.79 15.54 -7.52
C LEU A 345 -8.44 15.15 -8.96
N LEU A 346 -8.04 13.91 -9.14
CA LEU A 346 -7.70 13.40 -10.46
C LEU A 346 -8.94 13.07 -11.32
N ARG A 347 -10.09 12.74 -10.71
CA ARG A 347 -11.30 12.55 -11.53
C ARG A 347 -11.76 13.92 -12.10
N ILE A 348 -11.75 14.92 -11.23
CA ILE A 348 -11.98 16.30 -11.52
C ILE A 348 -11.13 16.87 -12.70
N ALA A 349 -9.81 16.71 -12.63
CA ALA A 349 -8.91 17.05 -13.73
C ALA A 349 -9.24 16.33 -15.00
N LYS A 350 -9.58 15.07 -14.89
CA LYS A 350 -9.95 14.26 -16.04
C LYS A 350 -11.27 14.71 -16.68
N THR A 351 -12.12 15.33 -15.86
CA THR A 351 -13.39 15.91 -16.31
C THR A 351 -13.19 17.26 -17.03
N TYR A 352 -12.32 18.08 -16.46
CA TYR A 352 -11.82 19.28 -17.10
C TYR A 352 -11.24 18.96 -18.50
N GLU A 353 -10.18 18.17 -18.53
CA GLU A 353 -9.62 17.76 -19.76
C GLU A 353 -10.71 17.28 -20.68
N ALA A 354 -11.65 16.48 -20.20
CA ALA A 354 -12.66 15.88 -21.12
C ALA A 354 -13.57 16.97 -21.71
N THR A 355 -13.86 17.95 -20.88
CA THR A 355 -14.82 19.00 -21.18
C THR A 355 -14.24 19.94 -22.28
N LEU A 356 -12.96 20.31 -22.10
CA LEU A 356 -12.16 21.02 -23.10
C LEU A 356 -11.90 20.26 -24.40
N GLU A 357 -11.65 18.94 -24.42
CA GLU A 357 -11.58 18.24 -25.70
C GLU A 357 -12.94 18.22 -26.40
N LYS A 358 -14.02 17.99 -25.66
CA LYS A 358 -15.37 18.03 -26.26
C LYS A 358 -15.75 19.46 -26.77
N CYS A 359 -15.50 20.47 -25.92
CA CYS A 359 -15.90 21.85 -26.20
C CYS A 359 -15.04 22.55 -27.26
N CYS A 360 -13.73 22.35 -27.22
CA CYS A 360 -12.80 22.97 -28.15
C CYS A 360 -12.88 22.50 -29.61
N ALA A 361 -13.37 21.28 -29.84
CA ALA A 361 -13.74 20.89 -31.19
C ALA A 361 -15.18 21.35 -31.61
N GLU A 362 -15.92 22.06 -30.76
CA GLU A 362 -17.35 22.37 -31.02
C GLU A 362 -17.52 23.71 -31.73
N ALA A 363 -18.76 24.05 -32.09
CA ALA A 363 -19.05 25.29 -32.85
C ALA A 363 -18.66 26.63 -32.13
N ASP A 364 -19.09 26.76 -30.85
CA ASP A 364 -18.77 27.92 -29.99
C ASP A 364 -18.27 27.37 -28.61
N PRO A 365 -16.93 27.18 -28.47
CA PRO A 365 -16.40 26.51 -27.30
C PRO A 365 -16.62 27.16 -25.93
N PRO A 366 -16.47 28.51 -25.81
CA PRO A 366 -16.65 29.14 -24.48
C PRO A 366 -18.04 29.00 -23.85
N ALA A 367 -19.11 29.09 -24.66
CA ALA A 367 -20.47 28.75 -24.13
C ALA A 367 -20.49 27.31 -23.57
N CYS A 368 -19.80 26.40 -24.26
CA CYS A 368 -19.68 24.99 -23.87
C CYS A 368 -18.85 24.84 -22.58
N TYR A 369 -17.62 25.39 -22.49
CA TYR A 369 -16.82 25.22 -21.25
C TYR A 369 -17.13 26.16 -20.11
N ALA A 370 -18.15 27.00 -20.27
CA ALA A 370 -18.53 27.96 -19.26
C ALA A 370 -18.88 27.33 -17.93
N THR A 371 -19.58 26.18 -18.01
CA THR A 371 -20.14 25.52 -16.85
C THR A 371 -19.23 24.42 -16.33
N VAL A 372 -17.95 24.47 -16.71
CA VAL A 372 -17.13 23.27 -16.54
C VAL A 372 -16.94 22.88 -15.05
N PHE A 373 -16.90 23.88 -14.16
CA PHE A 373 -16.71 23.70 -12.73
C PHE A 373 -17.92 23.00 -12.05
N ASP A 374 -19.06 23.21 -12.66
CA ASP A 374 -20.27 22.56 -12.25
C ASP A 374 -20.31 21.06 -12.58
N GLN A 375 -19.61 20.59 -13.59
CA GLN A 375 -19.46 19.14 -13.79
C GLN A 375 -18.81 18.55 -12.54
N PHE A 376 -18.03 19.33 -11.79
CA PHE A 376 -17.28 18.81 -10.65
C PHE A 376 -18.18 18.44 -9.44
N THR A 377 -19.35 19.01 -9.41
CA THR A 377 -20.12 19.11 -8.18
C THR A 377 -20.62 17.71 -7.78
N PRO A 378 -21.22 16.94 -8.72
CA PRO A 378 -21.60 15.55 -8.39
C PRO A 378 -20.42 14.64 -8.11
N LEU A 379 -19.26 14.91 -8.70
CA LEU A 379 -18.12 14.12 -8.37
C LEU A 379 -17.72 14.25 -6.90
N VAL A 380 -18.00 15.40 -6.30
CA VAL A 380 -17.61 15.68 -4.93
C VAL A 380 -18.69 15.14 -3.94
N GLU A 381 -19.94 15.37 -4.29
CA GLU A 381 -21.06 14.85 -3.52
C GLU A 381 -20.96 13.34 -3.35
N GLU A 382 -20.68 12.60 -4.40
CA GLU A 382 -20.61 11.16 -4.31
C GLU A 382 -19.72 10.57 -3.22
N PRO A 383 -18.38 10.73 -3.24
CA PRO A 383 -17.67 10.16 -2.12
C PRO A 383 -17.97 10.81 -0.81
N LYS A 384 -18.45 12.06 -0.77
CA LYS A 384 -18.80 12.64 0.52
C LYS A 384 -19.94 11.84 1.24
N SER A 385 -20.93 11.42 0.44
CA SER A 385 -22.10 10.74 0.87
C SER A 385 -21.74 9.32 1.35
N LEU A 386 -20.93 8.64 0.55
CA LEU A 386 -20.36 7.41 0.91
C LEU A 386 -19.65 7.39 2.24
N VAL A 387 -18.77 8.33 2.45
CA VAL A 387 -18.06 8.44 3.69
C VAL A 387 -18.93 8.74 4.89
N LYS A 388 -19.94 9.56 4.71
CA LYS A 388 -20.80 9.87 5.83
C LYS A 388 -21.56 8.61 6.17
N LYS A 389 -21.94 7.86 5.15
CA LYS A 389 -22.79 6.72 5.28
C LYS A 389 -22.01 5.54 5.93
N ASN A 390 -20.81 5.25 5.46
CA ASN A 390 -19.94 4.28 6.11
C ASN A 390 -19.47 4.69 7.55
N CYS A 391 -19.09 5.95 7.78
CA CYS A 391 -18.80 6.43 9.16
C CYS A 391 -20.02 6.39 10.15
N ASP A 392 -21.23 6.68 9.66
CA ASP A 392 -22.41 6.56 10.51
C ASP A 392 -22.48 5.09 10.96
N LEU A 393 -22.36 4.17 9.99
CA LEU A 393 -22.43 2.77 10.24
C LEU A 393 -21.38 2.27 11.24
N PHE A 394 -20.13 2.59 10.96
CA PHE A 394 -19.06 2.35 11.87
C PHE A 394 -19.28 2.83 13.29
N GLU A 395 -19.77 4.06 13.43
CA GLU A 395 -19.90 4.76 14.72
C GLU A 395 -20.91 4.04 15.61
N GLU A 396 -21.84 3.38 14.93
CA GLU A 396 -23.00 2.85 15.48
C GLU A 396 -22.79 1.37 15.90
N VAL A 397 -22.15 0.56 15.04
CA VAL A 397 -22.01 -0.91 15.23
C VAL A 397 -20.63 -1.38 15.67
N GLY A 398 -19.60 -0.58 15.44
CA GLY A 398 -18.23 -0.85 15.84
C GLY A 398 -17.39 -1.54 14.79
N GLU A 399 -16.06 -1.57 14.98
CA GLU A 399 -15.14 -2.14 14.00
C GLU A 399 -15.55 -3.49 13.50
N TYR A 400 -15.77 -4.44 14.42
CA TYR A 400 -16.05 -5.83 14.08
C TYR A 400 -17.24 -5.91 13.14
N ASP A 401 -18.35 -5.28 13.48
CA ASP A 401 -19.59 -5.46 12.68
C ASP A 401 -19.49 -4.70 11.36
N PHE A 402 -18.79 -3.56 11.38
CA PHE A 402 -18.56 -2.78 10.19
C PHE A 402 -17.71 -3.64 9.29
N GLN A 403 -16.63 -4.26 9.81
CA GLN A 403 -15.90 -5.25 9.00
C GLN A 403 -16.79 -6.34 8.38
N ASN A 404 -17.73 -6.88 9.15
CA ASN A 404 -18.63 -7.88 8.64
C ASN A 404 -19.56 -7.37 7.56
N ALA A 405 -20.14 -6.19 7.77
CA ALA A 405 -20.90 -5.47 6.70
C ALA A 405 -20.14 -5.45 5.34
N LEU A 406 -18.86 -5.18 5.45
CA LEU A 406 -17.96 -5.08 4.29
C LEU A 406 -17.58 -6.44 3.71
N ILE A 407 -17.38 -7.41 4.60
CA ILE A 407 -17.12 -8.77 4.14
C ILE A 407 -18.29 -9.26 3.30
N VAL A 408 -19.49 -9.03 3.80
CA VAL A 408 -20.68 -9.33 3.04
C VAL A 408 -20.74 -8.54 1.68
N ARG A 409 -20.65 -7.22 1.77
CA ARG A 409 -20.72 -6.30 0.60
C ARG A 409 -19.77 -6.78 -0.50
N TYR A 410 -18.54 -7.10 -0.12
CA TYR A 410 -17.54 -7.54 -1.06
C TYR A 410 -17.68 -8.95 -1.55
N THR A 411 -18.10 -9.86 -0.69
CA THR A 411 -18.38 -11.22 -1.12
C THR A 411 -19.53 -11.22 -2.10
N LYS A 412 -20.55 -10.41 -1.90
CA LYS A 412 -21.60 -10.30 -2.93
C LYS A 412 -21.08 -9.84 -4.30
N LYS A 413 -20.06 -8.96 -4.33
CA LYS A 413 -19.50 -8.38 -5.58
C LYS A 413 -18.59 -9.29 -6.35
N ALA A 414 -17.77 -10.02 -5.59
CA ALA A 414 -16.76 -10.96 -6.09
C ALA A 414 -16.76 -12.22 -5.24
N PRO A 415 -17.87 -12.98 -5.26
CA PRO A 415 -17.89 -14.22 -4.48
C PRO A 415 -16.94 -15.27 -5.02
N GLN A 416 -16.20 -15.00 -6.12
CA GLN A 416 -15.13 -15.92 -6.66
C GLN A 416 -13.77 -15.80 -5.95
N VAL A 417 -13.66 -14.74 -5.15
CA VAL A 417 -12.42 -14.42 -4.48
C VAL A 417 -12.35 -15.43 -3.40
N SER A 418 -11.17 -15.91 -3.04
CA SER A 418 -11.03 -16.91 -1.95
C SER A 418 -11.51 -16.24 -0.68
N THR A 419 -11.95 -17.03 0.28
CA THR A 419 -12.39 -16.52 1.56
C THR A 419 -11.31 -15.72 2.32
N PRO A 420 -10.09 -16.25 2.47
CA PRO A 420 -9.08 -15.46 3.17
C PRO A 420 -8.88 -14.03 2.58
N THR A 421 -8.88 -13.90 1.24
CA THR A 421 -8.71 -12.62 0.65
C THR A 421 -9.83 -11.72 1.03
N LEU A 422 -11.05 -12.22 0.92
CA LEU A 422 -12.25 -11.43 1.25
C LEU A 422 -12.25 -10.99 2.71
N VAL A 423 -11.80 -11.87 3.59
CA VAL A 423 -11.77 -11.59 4.99
C VAL A 423 -10.72 -10.52 5.28
N GLU A 424 -9.51 -10.76 4.81
CA GLU A 424 -8.42 -9.74 4.88
C GLU A 424 -8.81 -8.36 4.32
N ILE A 425 -9.55 -8.34 3.23
CA ILE A 425 -9.92 -7.03 2.60
C ILE A 425 -11.05 -6.30 3.35
N GLY A 426 -12.05 -7.06 3.79
CA GLY A 426 -13.09 -6.50 4.66
C GLY A 426 -12.50 -6.01 5.98
N ARG A 427 -11.58 -6.77 6.54
CA ARG A 427 -10.92 -6.36 7.80
C ARG A 427 -10.09 -5.08 7.58
N THR A 428 -9.29 -5.03 6.52
CA THR A 428 -8.50 -3.82 6.21
C THR A 428 -9.43 -2.56 6.03
N LEU A 429 -10.37 -2.68 5.11
CA LEU A 429 -11.43 -1.73 4.94
C LEU A 429 -12.12 -1.26 6.21
N GLY A 430 -12.56 -2.17 7.06
CA GLY A 430 -13.10 -1.77 8.36
C GLY A 430 -12.17 -0.97 9.25
N LYS A 431 -10.87 -1.29 9.28
CA LYS A 431 -9.82 -0.46 9.94
C LYS A 431 -9.71 0.99 9.37
N VAL A 432 -10.10 1.19 8.13
CA VAL A 432 -10.14 2.57 7.52
C VAL A 432 -11.22 3.32 8.30
N GLY A 433 -12.31 2.59 8.59
CA GLY A 433 -13.36 3.02 9.48
C GLY A 433 -12.76 3.61 10.71
N SER A 434 -11.99 2.79 11.40
CA SER A 434 -11.39 3.20 12.68
C SER A 434 -10.52 4.46 12.66
N ARG A 435 -9.67 4.52 11.63
CA ARG A 435 -8.64 5.53 11.50
C ARG A 435 -9.27 6.83 11.14
N CYS A 436 -10.24 6.80 10.22
CA CYS A 436 -10.71 7.99 9.51
C CYS A 436 -11.97 8.60 10.07
N CYS A 437 -12.88 7.79 10.59
CA CYS A 437 -14.18 8.32 11.00
C CYS A 437 -14.06 9.20 12.19
N LYS A 438 -12.98 9.04 12.94
CA LYS A 438 -12.77 9.84 14.16
C LYS A 438 -12.07 11.21 13.92
N LEU A 439 -11.51 11.40 12.73
CA LEU A 439 -10.84 12.65 12.34
C LEU A 439 -11.88 13.77 12.21
N PRO A 440 -11.41 15.04 12.30
CA PRO A 440 -12.38 16.12 12.07
C PRO A 440 -13.08 16.03 10.69
N GLU A 441 -14.27 16.62 10.60
CA GLU A 441 -15.18 16.32 9.49
C GLU A 441 -14.57 16.57 8.13
N SER A 442 -13.72 17.58 7.98
CA SER A 442 -13.06 17.80 6.68
C SER A 442 -11.83 16.92 6.40
N GLU A 443 -11.36 16.09 7.35
CA GLU A 443 -10.25 15.10 7.07
C GLU A 443 -10.69 13.68 6.71
N ARG A 444 -11.98 13.39 6.74
CA ARG A 444 -12.41 12.00 6.70
C ARG A 444 -12.50 11.49 5.27
N LEU A 445 -12.99 12.35 4.38
CA LEU A 445 -13.01 12.04 2.96
C LEU A 445 -11.61 11.75 2.41
N PRO A 446 -10.60 12.57 2.74
CA PRO A 446 -9.29 12.21 2.18
C PRO A 446 -8.71 10.98 2.83
N CYS A 447 -8.60 10.99 4.14
CA CYS A 447 -8.32 9.74 4.92
C CYS A 447 -9.01 8.50 4.35
N SER A 448 -10.32 8.59 4.12
CA SER A 448 -11.07 7.40 3.73
C SER A 448 -10.68 7.01 2.33
N GLU A 449 -10.81 7.92 1.36
CA GLU A 449 -10.64 7.53 -0.05
C GLU A 449 -9.15 7.24 -0.33
N ASN A 450 -8.21 7.95 0.31
CA ASN A 450 -6.78 7.63 0.14
C ASN A 450 -6.40 6.23 0.69
N HIS A 451 -6.98 5.86 1.83
CA HIS A 451 -6.69 4.51 2.43
C HIS A 451 -7.39 3.41 1.67
N LEU A 452 -8.63 3.60 1.30
CA LEU A 452 -9.29 2.78 0.30
C LEU A 452 -8.55 2.44 -0.96
N ALA A 453 -7.94 3.44 -1.58
CA ALA A 453 -7.11 3.24 -2.77
C ALA A 453 -6.04 2.20 -2.46
N LEU A 454 -5.48 2.27 -1.26
CA LEU A 454 -4.43 1.33 -0.79
C LEU A 454 -4.93 -0.12 -0.67
N ALA A 455 -6.11 -0.27 -0.09
CA ALA A 455 -6.80 -1.55 0.05
C ALA A 455 -7.32 -2.15 -1.26
N LEU A 456 -7.87 -1.32 -2.15
CA LEU A 456 -8.30 -1.81 -3.44
C LEU A 456 -7.11 -2.19 -4.34
N ASN A 457 -5.98 -1.52 -4.16
CA ASN A 457 -4.81 -1.96 -4.91
C ASN A 457 -4.25 -3.29 -4.43
N ARG A 458 -4.32 -3.51 -3.12
CA ARG A 458 -4.00 -4.80 -2.51
C ARG A 458 -4.87 -5.89 -3.16
N LEU A 459 -6.16 -5.67 -3.16
CA LEU A 459 -7.04 -6.59 -3.78
C LEU A 459 -6.60 -6.85 -5.18
N CYS A 460 -6.39 -5.80 -5.96
CA CYS A 460 -6.03 -5.93 -7.37
C CYS A 460 -4.72 -6.66 -7.61
N VAL A 461 -3.77 -6.46 -6.70
CA VAL A 461 -2.47 -7.11 -6.82
C VAL A 461 -2.65 -8.61 -6.57
N LEU A 462 -3.50 -8.96 -5.63
CA LEU A 462 -3.80 -10.37 -5.36
C LEU A 462 -4.48 -11.05 -6.51
N HIS A 463 -5.51 -10.40 -7.01
CA HIS A 463 -6.17 -10.81 -8.22
C HIS A 463 -5.26 -10.91 -9.49
N GLU A 464 -4.15 -10.23 -9.53
CA GLU A 464 -3.24 -10.42 -10.65
C GLU A 464 -2.57 -11.72 -10.59
N LYS A 465 -2.22 -12.10 -9.36
CA LYS A 465 -1.55 -13.38 -9.09
C LYS A 465 -2.53 -14.58 -9.29
N THR A 466 -3.76 -14.39 -8.86
CA THR A 466 -4.78 -15.45 -8.71
C THR A 466 -6.12 -14.96 -9.27
N PRO A 467 -6.28 -14.90 -10.61
CA PRO A 467 -7.42 -14.19 -11.20
C PRO A 467 -8.66 -15.07 -11.17
N VAL A 468 -9.75 -14.55 -10.65
CA VAL A 468 -10.97 -15.24 -10.47
C VAL A 468 -12.21 -14.57 -11.02
N SER A 469 -12.14 -13.34 -11.49
CA SER A 469 -13.34 -12.53 -11.71
C SER A 469 -13.12 -11.37 -12.70
N GLU A 470 -13.86 -11.39 -13.79
CA GLU A 470 -13.77 -10.39 -14.84
C GLU A 470 -14.20 -9.00 -14.35
N LYS A 471 -15.07 -8.94 -13.37
CA LYS A 471 -15.52 -7.66 -12.85
C LYS A 471 -14.36 -6.92 -12.16
N ILE A 472 -13.57 -7.66 -11.39
CA ILE A 472 -12.37 -7.12 -10.75
C ILE A 472 -11.26 -6.75 -11.72
N THR A 473 -10.97 -7.60 -12.66
CA THR A 473 -10.00 -7.30 -13.66
C THR A 473 -10.31 -5.93 -14.33
N LYS A 474 -11.56 -5.77 -14.73
CA LYS A 474 -12.03 -4.51 -15.28
C LYS A 474 -11.81 -3.28 -14.41
N CYS A 475 -12.24 -3.36 -13.17
CA CYS A 475 -12.10 -2.29 -12.23
C CYS A 475 -10.66 -2.09 -11.92
N CYS A 476 -9.82 -3.11 -11.98
CA CYS A 476 -8.42 -2.88 -11.62
C CYS A 476 -7.57 -2.20 -12.74
N THR A 477 -8.06 -2.26 -13.97
CA THR A 477 -7.29 -1.87 -15.11
C THR A 477 -7.83 -0.60 -15.81
N ASP A 478 -9.12 -0.34 -15.69
CA ASP A 478 -9.75 0.70 -16.52
C ASP A 478 -9.30 2.11 -16.23
N SER A 479 -8.97 2.45 -14.98
CA SER A 479 -8.67 3.86 -14.68
C SER A 479 -8.25 3.93 -13.27
N LEU A 480 -7.06 4.46 -13.03
CA LEU A 480 -6.59 4.57 -11.68
C LEU A 480 -7.56 5.45 -10.91
N ALA A 481 -7.97 6.58 -11.51
CA ALA A 481 -8.82 7.50 -10.80
C ALA A 481 -10.25 6.98 -10.60
N GLU A 482 -10.70 6.08 -11.48
CA GLU A 482 -12.05 5.53 -11.43
C GLU A 482 -12.17 4.19 -10.61
N ARG A 483 -11.10 3.63 -10.02
CA ARG A 483 -11.20 2.36 -9.29
C ARG A 483 -12.26 2.37 -8.25
N ARG A 484 -12.15 3.30 -7.34
CA ARG A 484 -13.07 3.31 -6.23
C ARG A 484 -14.52 3.46 -6.70
N PRO A 485 -14.84 4.41 -7.57
CA PRO A 485 -16.21 4.34 -8.12
C PRO A 485 -16.60 3.03 -8.86
N CYS A 486 -15.66 2.42 -9.53
CA CYS A 486 -15.91 1.20 -10.24
C CYS A 486 -16.25 0.01 -9.28
N PHE A 487 -15.48 -0.11 -8.19
CA PHE A 487 -15.76 -1.10 -7.14
C PHE A 487 -17.06 -0.83 -6.37
N SER A 488 -17.37 0.43 -6.12
CA SER A 488 -18.62 0.84 -5.45
C SER A 488 -19.88 0.45 -6.22
N ALA A 489 -19.76 0.51 -7.53
CA ALA A 489 -20.88 0.31 -8.46
C ALA A 489 -21.18 -1.16 -8.75
N LEU A 490 -20.23 -2.02 -8.43
CA LEU A 490 -20.42 -3.42 -8.50
C LEU A 490 -21.51 -3.94 -7.52
N GLU A 491 -22.36 -4.84 -8.01
CA GLU A 491 -23.46 -5.45 -7.24
C GLU A 491 -23.41 -6.92 -7.45
N LEU A 492 -24.26 -7.62 -6.69
CA LEU A 492 -24.28 -9.08 -6.67
C LEU A 492 -24.01 -9.66 -8.04
N ASP A 493 -22.91 -10.40 -8.17
CA ASP A 493 -22.60 -11.09 -9.40
C ASP A 493 -23.68 -12.09 -9.63
N GLU A 494 -24.56 -11.86 -10.60
CA GLU A 494 -25.66 -12.81 -10.90
C GLU A 494 -25.15 -14.10 -11.63
N GLY A 495 -23.97 -13.93 -12.24
CA GLY A 495 -23.20 -15.01 -12.93
C GLY A 495 -22.80 -16.14 -12.01
N TYR A 496 -22.52 -15.80 -10.75
CA TYR A 496 -22.47 -16.81 -9.65
C TYR A 496 -23.58 -17.89 -9.69
N VAL A 497 -23.13 -19.14 -9.73
CA VAL A 497 -23.92 -20.30 -9.24
C VAL A 497 -23.50 -20.41 -7.78
N PRO A 498 -24.48 -20.38 -6.86
CA PRO A 498 -24.17 -20.56 -5.43
C PRO A 498 -23.23 -21.73 -5.18
N LYS A 499 -22.42 -21.59 -4.15
CA LYS A 499 -21.38 -22.58 -3.86
C LYS A 499 -22.08 -23.70 -3.19
N GLU A 500 -21.79 -24.97 -3.51
CA GLU A 500 -22.54 -26.04 -2.82
C GLU A 500 -22.20 -26.01 -1.32
N PHE A 501 -23.25 -26.21 -0.55
CA PHE A 501 -23.18 -26.37 0.90
C PHE A 501 -22.28 -27.55 1.26
N LYS A 502 -21.25 -27.27 2.04
CA LYS A 502 -20.45 -28.28 2.76
C LYS A 502 -20.58 -27.91 4.26
N ALA A 503 -21.37 -28.73 4.95
CA ALA A 503 -21.59 -28.58 6.39
C ALA A 503 -20.33 -28.36 7.24
N GLU A 504 -19.24 -29.08 6.94
CA GLU A 504 -18.00 -28.98 7.74
C GLU A 504 -17.45 -27.58 7.77
N THR A 505 -17.69 -26.85 6.68
CA THR A 505 -17.25 -25.44 6.53
C THR A 505 -17.90 -24.52 7.56
N PHE A 506 -19.12 -24.84 8.01
CA PHE A 506 -19.88 -23.99 8.93
C PHE A 506 -19.87 -24.54 10.35
N THR A 507 -19.07 -25.61 10.56
CA THR A 507 -19.13 -26.48 11.69
C THR A 507 -17.87 -26.16 12.47
N PHE A 508 -18.07 -25.72 13.72
CA PHE A 508 -16.96 -25.24 14.54
C PHE A 508 -16.69 -26.32 15.56
N HIS A 509 -15.45 -26.39 16.02
CA HIS A 509 -15.04 -27.38 17.00
C HIS A 509 -14.30 -26.67 18.13
N ALA A 510 -13.83 -27.42 19.11
CA ALA A 510 -13.22 -26.83 20.30
C ALA A 510 -11.89 -26.09 20.03
N ASP A 511 -11.30 -26.39 18.83
CA ASP A 511 -10.00 -25.81 18.46
C ASP A 511 -10.00 -24.28 18.50
N ILE A 512 -11.18 -23.69 18.27
CA ILE A 512 -11.38 -22.22 18.25
C ILE A 512 -11.15 -21.48 19.59
N CYS A 513 -11.44 -22.17 20.70
CA CYS A 513 -11.35 -21.59 22.07
C CYS A 513 -9.94 -21.23 22.53
N THR A 514 -8.96 -21.92 21.93
CA THR A 514 -7.53 -21.60 22.12
C THR A 514 -7.20 -20.20 21.50
N LEU A 515 -7.62 -20.02 20.24
CA LEU A 515 -7.29 -18.84 19.41
C LEU A 515 -7.47 -17.52 20.17
N PRO A 516 -6.49 -16.59 20.10
CA PRO A 516 -6.78 -15.21 20.57
C PRO A 516 -7.90 -14.49 19.81
N GLU A 517 -8.29 -13.33 20.33
CA GLU A 517 -9.55 -12.69 19.90
C GLU A 517 -9.59 -12.41 18.39
N ASP A 518 -8.56 -11.74 17.89
CA ASP A 518 -8.47 -11.48 16.43
C ASP A 518 -8.65 -12.78 15.62
N GLU A 519 -7.93 -13.82 16.00
CA GLU A 519 -7.94 -15.12 15.30
C GLU A 519 -9.34 -15.82 15.42
N LYS A 520 -10.05 -15.65 16.53
CA LYS A 520 -11.48 -16.05 16.57
C LYS A 520 -12.37 -15.34 15.52
N GLN A 521 -12.24 -14.03 15.46
CA GLN A 521 -13.00 -13.22 14.49
C GLN A 521 -12.74 -13.62 13.05
N ILE A 522 -11.47 -13.82 12.76
CA ILE A 522 -11.12 -14.27 11.42
C ILE A 522 -11.88 -15.57 11.07
N LYS A 523 -12.07 -16.49 12.05
CA LYS A 523 -12.75 -17.70 11.77
C LYS A 523 -14.23 -17.45 11.41
N LYS A 524 -14.87 -16.67 12.28
CA LYS A 524 -16.30 -16.45 12.15
C LYS A 524 -16.52 -15.59 10.93
N GLN A 525 -15.68 -14.60 10.73
CA GLN A 525 -15.72 -13.80 9.50
C GLN A 525 -15.50 -14.68 8.27
N SER A 526 -14.59 -15.64 8.37
CA SER A 526 -14.44 -16.63 7.29
C SER A 526 -15.74 -17.40 7.01
N ALA A 527 -16.45 -17.85 8.04
CA ALA A 527 -17.77 -18.46 7.89
C ALA A 527 -18.85 -17.52 7.31
N LEU A 528 -18.93 -16.31 7.85
CA LEU A 528 -19.62 -15.18 7.17
C LEU A 528 -19.39 -15.09 5.61
N ALA A 529 -18.14 -15.08 5.17
CA ALA A 529 -17.93 -15.08 3.74
C ALA A 529 -18.57 -16.32 3.16
N GLU A 530 -18.28 -17.48 3.72
CA GLU A 530 -18.86 -18.74 3.22
C GLU A 530 -20.38 -18.79 3.25
N LEU A 531 -21.00 -18.20 4.27
CA LEU A 531 -22.43 -18.11 4.27
C LEU A 531 -22.92 -17.36 3.04
N VAL A 532 -22.22 -16.32 2.63
CA VAL A 532 -22.67 -15.49 1.48
C VAL A 532 -22.48 -16.22 0.17
N LYS A 533 -21.40 -16.95 0.06
CA LYS A 533 -21.20 -17.75 -1.14
C LYS A 533 -22.26 -18.84 -1.34
N HIS A 534 -22.73 -19.50 -0.30
CA HIS A 534 -23.82 -20.49 -0.50
C HIS A 534 -25.18 -19.79 -0.76
N LYS A 535 -25.41 -18.65 -0.12
CA LYS A 535 -26.71 -17.97 -0.12
C LYS A 535 -26.51 -16.49 -0.45
N PRO A 536 -26.13 -16.20 -1.71
CA PRO A 536 -25.82 -14.83 -2.14
C PRO A 536 -26.91 -13.78 -2.01
N LYS A 537 -28.16 -14.20 -2.00
CA LYS A 537 -29.26 -13.30 -1.89
C LYS A 537 -29.66 -13.01 -0.50
N ALA A 538 -29.08 -13.66 0.50
CA ALA A 538 -29.43 -13.37 1.88
C ALA A 538 -29.19 -11.89 2.15
N THR A 539 -30.13 -11.30 2.86
CA THR A 539 -29.99 -9.93 3.31
C THR A 539 -28.96 -9.83 4.39
N LYS A 540 -28.47 -8.62 4.57
CA LYS A 540 -27.37 -8.35 5.45
C LYS A 540 -27.84 -8.49 6.89
N GLU A 541 -29.11 -8.20 7.15
CA GLU A 541 -29.64 -8.41 8.48
C GLU A 541 -29.84 -9.91 8.82
N GLN A 542 -30.19 -10.72 7.83
CA GLN A 542 -30.31 -12.17 8.04
C GLN A 542 -28.96 -12.76 8.42
N LEU A 543 -27.93 -12.34 7.70
CA LEU A 543 -26.56 -12.77 8.02
C LEU A 543 -26.04 -12.18 9.35
N LYS A 544 -26.49 -11.01 9.79
CA LYS A 544 -26.04 -10.54 11.08
C LYS A 544 -26.55 -11.46 12.25
N THR A 545 -27.77 -11.97 12.11
CA THR A 545 -28.44 -12.80 13.09
C THR A 545 -27.91 -14.23 13.09
N VAL A 546 -27.78 -14.81 11.90
CA VAL A 546 -27.14 -16.10 11.76
C VAL A 546 -25.74 -15.98 12.37
N LEU A 547 -24.94 -14.95 11.99
CA LEU A 547 -23.56 -14.84 12.57
C LEU A 547 -23.53 -14.69 14.13
N GLY A 548 -24.43 -13.86 14.66
CA GLY A 548 -24.60 -13.65 16.06
C GLY A 548 -25.00 -14.93 16.76
N ASN A 549 -25.85 -15.75 16.12
CA ASN A 549 -26.13 -17.08 16.68
C ASN A 549 -24.95 -18.01 16.64
N PHE A 550 -24.08 -17.89 15.65
CA PHE A 550 -22.82 -18.64 15.68
C PHE A 550 -21.86 -18.13 16.80
N SER A 551 -21.88 -16.82 17.09
CA SER A 551 -21.04 -16.20 18.14
C SER A 551 -21.37 -16.71 19.51
N ALA A 552 -22.66 -16.60 19.84
CA ALA A 552 -23.24 -17.09 21.09
C ALA A 552 -22.93 -18.54 21.21
N PHE A 553 -23.15 -19.29 20.15
CA PHE A 553 -22.87 -20.72 20.19
C PHE A 553 -21.42 -20.99 20.55
N VAL A 554 -20.51 -20.21 19.98
CA VAL A 554 -19.08 -20.41 20.25
C VAL A 554 -18.71 -19.95 21.66
N ALA A 555 -19.29 -18.84 22.12
CA ALA A 555 -19.00 -18.28 23.42
C ALA A 555 -19.39 -19.27 24.56
N LYS A 556 -20.55 -19.89 24.39
CA LYS A 556 -21.10 -20.83 25.34
C LYS A 556 -20.36 -22.16 25.37
N CYS A 557 -19.96 -22.68 24.21
CA CYS A 557 -19.33 -23.99 24.18
C CYS A 557 -17.94 -23.92 24.62
N CYS A 558 -17.30 -22.80 24.40
CA CYS A 558 -15.99 -22.52 24.91
C CYS A 558 -16.06 -22.25 26.39
N GLY A 559 -17.22 -21.85 26.89
CA GLY A 559 -17.39 -21.60 28.33
C GLY A 559 -17.70 -22.86 29.18
N ALA A 560 -17.75 -24.00 28.52
CA ALA A 560 -18.31 -25.24 29.06
C ALA A 560 -17.28 -26.22 29.67
N GLU A 561 -17.74 -27.03 30.61
CA GLU A 561 -16.92 -28.09 31.19
C GLU A 561 -16.42 -29.06 30.14
N ASP A 562 -17.30 -29.47 29.24
CA ASP A 562 -16.95 -30.35 28.13
C ASP A 562 -17.20 -29.62 26.81
N LYS A 563 -16.17 -28.94 26.35
CA LYS A 563 -16.25 -28.11 25.14
C LYS A 563 -16.67 -28.92 23.94
N GLU A 564 -16.02 -30.05 23.68
CA GLU A 564 -16.29 -30.76 22.44
C GLU A 564 -17.64 -31.40 22.40
N ALA A 565 -18.17 -31.84 23.55
CA ALA A 565 -19.50 -32.44 23.59
C ALA A 565 -20.56 -31.38 23.39
N CYS A 566 -20.29 -30.18 23.87
CA CYS A 566 -21.06 -28.99 23.57
C CYS A 566 -21.11 -28.65 22.07
N PHE A 567 -19.95 -28.63 21.43
CA PHE A 567 -19.88 -28.32 19.99
C PHE A 567 -20.55 -29.45 19.20
N ALA A 568 -20.25 -30.69 19.59
CA ALA A 568 -20.75 -31.89 18.95
C ALA A 568 -22.28 -32.03 18.95
N GLU A 569 -22.90 -31.62 20.06
CA GLU A 569 -24.33 -31.76 20.25
C GLU A 569 -25.06 -30.65 19.56
N GLU A 570 -24.59 -29.43 19.79
CA GLU A 570 -25.37 -28.28 19.39
C GLU A 570 -25.04 -27.72 18.03
N GLY A 571 -23.86 -28.09 17.50
CA GLY A 571 -23.30 -27.50 16.29
C GLY A 571 -24.16 -27.88 15.11
N PRO A 572 -24.38 -29.18 14.86
CA PRO A 572 -25.18 -29.52 13.67
C PRO A 572 -26.59 -28.88 13.58
N LYS A 573 -27.23 -28.66 14.73
CA LYS A 573 -28.58 -28.07 14.77
C LYS A 573 -28.51 -26.66 14.12
N LEU A 574 -27.44 -25.94 14.49
CA LEU A 574 -27.23 -24.55 14.14
C LEU A 574 -26.81 -24.37 12.66
N VAL A 575 -26.04 -25.34 12.18
CA VAL A 575 -25.66 -25.43 10.79
C VAL A 575 -26.95 -25.68 9.99
N ALA A 576 -27.73 -26.72 10.31
CA ALA A 576 -28.97 -26.96 9.54
C ALA A 576 -29.98 -25.80 9.63
N SER A 577 -30.29 -25.31 10.83
CA SER A 577 -31.36 -24.32 10.97
C SER A 577 -30.98 -22.94 10.34
N SER A 578 -29.75 -22.51 10.55
CA SER A 578 -29.29 -21.28 9.94
C SER A 578 -29.28 -21.24 8.39
N GLN A 579 -29.34 -22.33 7.64
CA GLN A 579 -29.58 -22.25 6.17
C GLN A 579 -31.01 -21.85 5.79
N LEU A 580 -31.96 -22.10 6.70
CA LEU A 580 -33.37 -21.71 6.48
C LEU A 580 -33.62 -20.22 6.80
N ALA A 581 -32.77 -19.70 7.68
CA ALA A 581 -32.82 -18.30 8.06
C ALA A 581 -32.21 -17.35 6.92
N LEU A 582 -31.43 -17.94 5.97
CA LEU A 582 -30.85 -17.22 4.82
C LEU A 582 -31.57 -17.45 3.43
N ALA A 583 -31.27 -16.65 2.42
CA ALA A 583 -32.13 -16.42 1.20
C ALA A 583 -33.56 -16.15 1.63
C1 DIF B . -23.27 -7.50 10.92
C2 DIF B . -23.61 -6.27 10.34
CL2 DIF B . -23.79 -4.76 11.28
C3 DIF B . -23.83 -6.13 8.88
C4 DIF B . -23.71 -7.43 8.14
CL4 DIF B . -23.98 -7.46 6.39
C5 DIF B . -23.37 -8.64 8.78
C6 DIF B . -23.14 -8.67 10.16
N1 DIF B . -24.39 -4.98 8.40
C7 DIF B . -26.18 -3.29 7.95
C8 DIF B . -25.71 -4.59 8.61
C9 DIF B . -26.66 -5.29 9.37
C10 DIF B . -27.98 -4.80 9.53
C11 DIF B . -28.40 -3.60 8.94
C12 DIF B . -27.51 -2.87 8.16
C13 DIF B . -25.31 -2.40 7.07
C14 DIF B . -24.74 -3.01 5.79
O1 DIF B . -24.50 -2.24 4.82
O2 DIF B . -24.51 -4.26 5.75
C1 NPS C . -15.16 3.44 4.69
O2 NPS C . -14.98 4.24 5.79
C2 NPS C . -14.69 2.13 4.79
C14 NPS C . -16.24 0.31 -0.91
C3 NPS C . -14.81 1.24 3.72
C4 NPS C . -15.40 1.66 2.52
C5 NPS C . -15.88 3.06 2.41
C6 NPS C . -15.75 3.92 3.49
C7 NPS C . -15.54 0.79 1.44
C8 NPS C . -16.14 1.24 0.25
C10 NPS C . -15.36 0.83 -2.07
C13 NPS C . -16.47 3.47 1.20
C11 NPS C . -16.58 2.57 0.14
C12 NPS C . -15.31 5.63 5.77
O NPS C . -18.56 0.80 -1.18
OXT NPS C . -17.62 -0.77 -2.41
C15 NPS C . -17.57 0.10 -1.53
C1 MLI D . -14.12 25.46 -4.10
C2 MLI D . -14.35 25.41 -5.60
C3 MLI D . -14.70 26.66 -3.39
O6 MLI D . -13.44 24.90 -6.30
O7 MLI D . -15.42 25.86 -6.10
O8 MLI D . -15.43 26.44 -2.38
O9 MLI D . -14.46 27.82 -3.81
C1 MLI E . 4.19 5.52 -20.36
C2 MLI E . 5.18 4.76 -19.47
C3 MLI E . 3.76 6.89 -19.85
O6 MLI E . 5.59 3.63 -19.84
O7 MLI E . 5.54 5.26 -18.38
O8 MLI E . 3.20 7.03 -18.73
O9 MLI E . 3.96 7.89 -20.59
C1 MLI F . -30.03 -6.26 0.72
C2 MLI F . -28.83 -7.19 0.69
C3 MLI F . -30.60 -6.02 2.11
O6 MLI F . -28.91 -8.18 -0.08
O7 MLI F . -27.81 -6.91 1.35
O8 MLI F . -29.88 -6.04 3.11
O9 MLI F . -31.80 -5.75 2.20
C1 MLI G . -13.90 31.20 -7.80
C2 MLI G . -13.26 29.91 -8.21
C3 MLI G . -13.13 31.53 -6.57
O6 MLI G . -13.77 28.84 -7.79
O7 MLI G . -12.22 29.97 -8.91
O8 MLI G . -12.04 30.92 -6.43
O9 MLI G . -13.56 32.37 -5.74
C1 MLI H . -3.42 -1.14 4.16
C2 MLI H . -3.77 -1.90 2.89
C3 MLI H . -4.36 0.03 4.51
O6 MLI H . -3.31 -3.05 2.62
O7 MLI H . -4.51 -1.34 2.08
O8 MLI H . -3.99 0.78 5.46
O9 MLI H . -5.46 0.25 3.91
C1 SIN I . 7.80 14.33 -0.43
O1 SIN I . 6.76 13.64 -0.33
O2 SIN I . 7.76 15.60 -0.38
C2 SIN I . 9.15 13.65 -0.61
C3 SIN I . 9.01 12.18 -0.17
C4 SIN I . 10.27 11.44 0.25
O3 SIN I . 10.15 10.19 0.28
O4 SIN I . 11.32 12.08 0.58
C ACT J . 4.46 8.61 11.40
O ACT J . 4.72 7.38 11.44
OXT ACT J . 5.05 9.46 12.12
CH3 ACT J . 3.39 9.11 10.45
C ACT K . -14.59 -20.64 -3.22
O ACT K . -14.91 -20.18 -2.09
OXT ACT K . -13.40 -20.97 -3.46
CH3 ACT K . -15.64 -20.80 -4.27
C ACT L . -6.31 6.82 -15.45
O ACT L . -6.91 7.50 -14.56
OXT ACT L . -6.91 6.34 -16.44
CH3 ACT L . -4.82 6.57 -15.32
C ACT M . 21.73 -2.60 -17.76
O ACT M . 22.72 -3.32 -17.49
OXT ACT M . 21.25 -1.79 -16.94
CH3 ACT M . 21.13 -2.74 -19.13
C ACT N . -24.83 -2.20 0.55
O ACT N . -24.36 -2.15 1.70
OXT ACT N . -24.10 -2.20 -0.49
CH3 ACT N . -26.33 -2.30 0.38
C FMT O . 5.81 -8.31 8.18
O1 FMT O . 5.38 -7.90 9.25
O2 FMT O . 4.94 -8.71 7.26
C FMT P . 0.74 6.70 -6.55
O1 FMT P . -0.32 6.60 -7.19
O2 FMT P . 0.69 6.94 -5.23
C1 LMR Q . 0.28 10.38 1.63
O1A LMR Q . -0.16 9.37 1.02
O1B LMR Q . 0.85 11.33 1.06
C2 LMR Q . 0.13 10.46 3.13
O2 LMR Q . 1.17 11.28 3.70
C3 LMR Q . -1.27 10.88 3.52
C4 LMR Q . -1.43 10.74 5.03
O4A LMR Q . -0.82 11.56 5.77
O4B LMR Q . -2.14 9.81 5.50
C ACT R . 4.20 11.35 -1.54
O ACT R . 5.28 10.86 -1.13
OXT ACT R . 3.25 11.64 -0.74
CH3 ACT R . 4.03 11.57 -3.02
#